data_8HNH
#
_entry.id   8HNH
#
loop_
_entity.id
_entity.type
_entity.pdbx_description
1 polymer 'Solute carrier organic anion transporter family member 1B1'
2 branched 2-acetamido-2-deoxy-beta-D-glucopyranose-(1-4)-2-acetamido-2-deoxy-beta-D-glucopyranose
3 non-polymer (2R,3aR,10Z,11aS,12aR,14aR)-N-(cyclopropylsulfonyl)-2-({7-methoxy-8-methyl-2-[4-(1-methylethyl)-1,3-thiazol-2-yl]quinolin-4-yl}oxy)-5-methyl-4,14-dioxo-2,3,3a,4,5,6,7,8,9,11a,12,13,14,14a-tetradecahydrocyclopenta[c]cyclopropa[g][1,6]diazacyclotetradecine-12a(1H)-carboxamide
4 non-polymer 2-acetamido-2-deoxy-beta-D-glucopyranose
#
_entity_poly.entity_id   1
_entity_poly.type   'polypeptide(L)'
_entity_poly.pdbx_seq_one_letter_code
;MDQNQHLNKTAEAQPSENKKTRYCNGLKMFLAALSLSFIAKTLGAIIMKSSIIHIERRFEISSSLVGFIDGSFEIGNLLV
IVFVSYFGSKLHRPKLIGIGCFIMGIGGVLTALPHFFMGYYRYSKETNINSSENSTSTLSTCLINQILSLNRASPEIVGK
GCLKESGSYMWIYVFMGNMLRGIGETPIVPLGLSYIDDFAKEGHSSLYLGILNAIAMIGPIIGFTLGSLFSKMYVDIGYV
DLSTIRITPTDSRWVGAWWLNFLVSGLFSIISSIPFFFLPQTPNKPQKERKASLSLHVLETNDEKDQTANLTNQGKNITK
NVTGFFQSFKSILTNPLYVMFVLLTLLQVSSYIGAFTYVFKYVEQQYGQPSSKANILLGVITIPIFASGMFLGGYIIKKF
KLNTVGIAKFSCFTAVMSLSFYLLYFFILCENKSVAGLTMTYDGNNPVTSHRDVPLSYCNSDCNCDESQWEPVCGNNGIT
YISPCLAGCKSSSGNKKPIVFYNCSCLEVTGLQNRNYSAHLGECPRDDACTRKFYFFVAIQVLNLFFSALGGTSHVMLIV
KIVQPELKSLALGFHSMVIRALGGILAPIYFGALIDTTCIKWSTNNCGTRGSCRTYNSTSFSRVYLGLSSMLRVSSLVLY
IILIYAMKKKYQEKDINASENGSVMDEANLESLNKNKHFVPSAGADSETHCLEGSDEVDAGSHHHHHHHHHHGSVEDYKD
DDDK
;
_entity_poly.pdbx_strand_id   A
#
loop_
_chem_comp.id
_chem_comp.type
_chem_comp.name
_chem_comp.formula
30B non-polymer (2R,3aR,10Z,11aS,12aR,14aR)-N-(cyclopropylsulfonyl)-2-({7-methoxy-8-methyl-2-[4-(1-methylethyl)-1,3-thiazol-2-yl]quinolin-4-yl}oxy)-5-methyl-4,14-dioxo-2,3,3a,4,5,6,7,8,9,11a,12,13,14,14a-tetradecahydrocyclopenta[c]cyclopropa[g][1,6]diazacyclotetradecine-12a(1H)-carboxamide 'C38 H47 N5 O7 S2'
NAG D-saccharide, beta linking 2-acetamido-2-deoxy-beta-D-glucopyranose 'C8 H15 N O6'
#
# COMPACT_ATOMS: atom_id res chain seq x y z
N ASN A 25 19.48 15.67 30.17
CA ASN A 25 18.22 15.43 29.48
C ASN A 25 17.65 14.03 29.76
N GLY A 26 18.48 13.14 30.29
CA GLY A 26 18.04 11.80 30.61
C GLY A 26 17.53 10.99 29.42
N LEU A 27 16.30 10.47 29.47
CA LEU A 27 15.76 9.66 28.38
C LEU A 27 15.41 10.44 27.12
N LYS A 28 15.36 11.77 27.20
CA LYS A 28 15.07 12.59 26.05
C LYS A 28 16.14 12.43 24.95
N MET A 29 17.40 12.27 25.33
CA MET A 29 18.46 12.09 24.34
C MET A 29 18.22 10.83 23.51
N PHE A 30 17.81 9.76 24.18
CA PHE A 30 17.56 8.48 23.53
C PHE A 30 16.44 8.61 22.50
N LEU A 31 15.40 9.36 22.86
CA LEU A 31 14.29 9.57 21.97
C LEU A 31 14.73 10.15 20.63
N ALA A 32 15.69 11.09 20.67
CA ALA A 32 16.11 11.75 19.45
C ALA A 32 16.71 10.74 18.49
N ALA A 33 17.55 9.85 18.99
CA ALA A 33 18.14 8.84 18.13
C ALA A 33 17.05 7.90 17.61
N LEU A 34 16.12 7.50 18.47
CA LEU A 34 15.06 6.57 18.04
C LEU A 34 14.17 7.18 16.98
N SER A 35 13.83 8.46 17.12
CA SER A 35 12.97 9.13 16.15
C SER A 35 13.66 9.16 14.79
N LEU A 36 14.96 9.42 14.78
CA LEU A 36 15.72 9.44 13.55
C LEU A 36 15.68 8.07 12.87
N SER A 37 15.78 7.00 13.66
CA SER A 37 15.69 5.64 13.13
C SER A 37 14.33 5.40 12.53
N PHE A 38 13.28 5.90 13.19
CA PHE A 38 11.92 5.72 12.68
C PHE A 38 11.79 6.37 11.31
N ILE A 39 12.36 7.56 11.12
CA ILE A 39 12.29 8.18 9.81
C ILE A 39 13.03 7.29 8.82
N ALA A 40 14.21 6.81 9.20
CA ALA A 40 15.00 5.93 8.34
C ALA A 40 14.31 4.62 8.06
N LYS A 41 13.70 4.02 9.08
CA LYS A 41 13.03 2.75 8.89
C LYS A 41 11.87 2.85 7.92
N THR A 42 11.05 3.88 8.07
CA THR A 42 9.92 4.08 7.17
C THR A 42 10.41 4.43 5.78
N LEU A 43 11.49 5.20 5.71
CA LEU A 43 12.06 5.62 4.42
C LEU A 43 12.50 4.40 3.62
N GLY A 44 13.12 3.43 4.29
CA GLY A 44 13.53 2.22 3.62
C GLY A 44 12.31 1.46 3.11
N ALA A 45 11.24 1.41 3.90
CA ALA A 45 10.05 0.69 3.47
C ALA A 45 9.38 1.31 2.23
N ILE A 46 9.21 2.62 2.22
CA ILE A 46 8.61 3.30 1.07
C ILE A 46 9.49 3.29 -0.17
N ILE A 47 10.80 3.45 0.02
CA ILE A 47 11.70 3.54 -1.14
C ILE A 47 11.67 2.32 -2.05
N MET A 48 11.61 1.14 -1.46
CA MET A 48 11.61 -0.08 -2.25
C MET A 48 10.43 -0.05 -3.20
N LYS A 49 9.26 0.33 -2.71
CA LYS A 49 8.07 0.35 -3.54
C LYS A 49 8.13 1.44 -4.59
N SER A 50 8.69 2.60 -4.23
CA SER A 50 8.73 3.72 -5.15
C SER A 50 9.70 3.50 -6.31
N SER A 51 10.57 2.51 -6.18
CA SER A 51 11.55 2.26 -7.22
C SER A 51 11.41 0.86 -7.80
N ILE A 52 10.52 0.05 -7.24
CA ILE A 52 10.41 -1.33 -7.71
C ILE A 52 10.19 -1.44 -9.22
N ILE A 53 9.39 -0.55 -9.79
CA ILE A 53 9.10 -0.58 -11.22
C ILE A 53 10.34 -0.36 -12.08
N HIS A 54 11.20 0.57 -11.68
CA HIS A 54 12.42 0.86 -12.42
C HIS A 54 13.37 -0.33 -12.47
N ILE A 55 13.46 -1.05 -11.35
CA ILE A 55 14.38 -2.18 -11.26
C ILE A 55 14.06 -3.25 -12.29
N GLU A 56 12.77 -3.52 -12.49
CA GLU A 56 12.38 -4.57 -13.41
C GLU A 56 12.87 -4.32 -14.84
N ARG A 57 12.68 -3.10 -15.34
CA ARG A 57 13.11 -2.83 -16.71
C ARG A 57 14.63 -2.83 -16.84
N ARG A 58 15.30 -2.27 -15.83
CA ARG A 58 16.76 -2.18 -15.83
C ARG A 58 17.54 -3.49 -15.77
N PHE A 59 17.09 -4.46 -14.96
CA PHE A 59 17.79 -5.74 -14.82
C PHE A 59 17.41 -6.81 -15.81
N GLU A 60 16.41 -6.53 -16.65
CA GLU A 60 15.89 -7.50 -17.62
C GLU A 60 15.54 -8.77 -16.85
N ILE A 61 14.84 -8.59 -15.74
CA ILE A 61 14.42 -9.69 -14.89
C ILE A 61 12.95 -10.02 -15.14
N SER A 62 12.58 -11.30 -15.04
CA SER A 62 11.22 -11.74 -15.29
C SER A 62 10.24 -11.15 -14.27
N SER A 63 8.99 -10.97 -14.68
CA SER A 63 7.98 -10.38 -13.80
C SER A 63 7.75 -11.23 -12.56
N SER A 64 7.75 -12.55 -12.72
CA SER A 64 7.56 -13.45 -11.58
C SER A 64 8.69 -13.27 -10.58
N LEU A 65 9.92 -13.17 -11.03
CA LEU A 65 10.98 -13.10 -10.07
C LEU A 65 10.88 -11.79 -9.37
N VAL A 66 10.09 -10.86 -9.89
CA VAL A 66 10.10 -9.53 -9.27
C VAL A 66 9.40 -9.52 -7.97
N GLY A 67 8.26 -10.15 -7.94
CA GLY A 67 7.60 -10.22 -6.68
C GLY A 67 8.60 -10.80 -5.72
N PHE A 68 9.41 -11.73 -6.16
CA PHE A 68 10.29 -12.39 -5.20
C PHE A 68 11.28 -11.41 -4.60
N ILE A 69 11.83 -10.50 -5.42
CA ILE A 69 12.78 -9.51 -4.92
C ILE A 69 12.14 -8.62 -3.87
N ASP A 70 10.88 -8.23 -4.10
CA ASP A 70 10.12 -7.42 -3.15
C ASP A 70 9.90 -8.21 -1.87
N GLY A 71 9.65 -9.51 -2.02
CA GLY A 71 9.46 -10.47 -0.94
C GLY A 71 10.70 -10.70 -0.07
N SER A 72 11.85 -10.42 -0.66
CA SER A 72 13.11 -10.60 0.01
C SER A 72 13.19 -9.77 1.29
N PHE A 73 12.67 -8.56 1.25
CA PHE A 73 12.69 -7.70 2.43
C PHE A 73 11.87 -8.31 3.55
N GLU A 74 10.70 -8.82 3.20
CA GLU A 74 9.83 -9.42 4.19
C GLU A 74 10.37 -10.67 4.85
N ILE A 75 10.96 -11.58 4.08
CA ILE A 75 11.48 -12.82 4.67
C ILE A 75 12.60 -12.55 5.65
N GLY A 76 13.47 -11.60 5.32
CA GLY A 76 14.56 -11.29 6.22
C GLY A 76 14.02 -10.75 7.52
N ASN A 77 13.02 -9.89 7.44
CA ASN A 77 12.44 -9.32 8.65
C ASN A 77 11.71 -10.35 9.50
N LEU A 78 10.86 -11.16 8.88
CA LEU A 78 10.11 -12.18 9.62
C LEU A 78 10.98 -13.24 10.29
N LEU A 79 12.01 -13.71 9.60
CA LEU A 79 12.86 -14.76 10.15
C LEU A 79 13.62 -14.38 11.42
N VAL A 80 14.19 -13.17 11.42
CA VAL A 80 14.99 -12.73 12.57
C VAL A 80 14.27 -11.89 13.64
N ILE A 81 13.06 -11.42 13.36
CA ILE A 81 12.36 -10.59 14.36
C ILE A 81 11.98 -11.28 15.67
N VAL A 82 11.55 -12.54 15.62
CA VAL A 82 11.15 -13.22 16.84
C VAL A 82 12.35 -13.66 17.67
N PHE A 83 13.40 -14.11 17.01
CA PHE A 83 14.62 -14.53 17.71
C PHE A 83 15.38 -13.39 18.37
N VAL A 84 15.54 -12.28 17.66
CA VAL A 84 16.27 -11.14 18.19
C VAL A 84 15.58 -10.47 19.37
N SER A 85 14.26 -10.37 19.32
CA SER A 85 13.58 -9.68 20.40
C SER A 85 13.79 -10.34 21.75
N TYR A 86 13.68 -11.67 21.85
CA TYR A 86 13.91 -12.28 23.15
C TYR A 86 15.36 -12.19 23.60
N PHE A 87 16.28 -12.48 22.69
CA PHE A 87 17.72 -12.43 22.97
C PHE A 87 18.24 -11.02 23.22
N GLY A 88 17.70 -10.06 22.46
CA GLY A 88 18.10 -8.68 22.55
C GLY A 88 17.89 -8.01 23.88
N SER A 89 16.79 -8.34 24.56
CA SER A 89 16.47 -7.70 25.81
C SER A 89 17.55 -7.87 26.87
N LYS A 90 18.15 -9.05 26.96
CA LYS A 90 19.19 -9.26 27.96
C LYS A 90 20.41 -8.36 27.71
N LEU A 91 20.78 -8.21 26.45
CA LEU A 91 21.92 -7.38 26.05
C LEU A 91 21.57 -5.90 26.11
N HIS A 92 22.58 -5.04 26.07
CA HIS A 92 22.34 -3.60 26.14
C HIS A 92 21.46 -3.21 24.94
N ARG A 93 20.44 -2.37 25.18
CA ARG A 93 19.50 -2.00 24.12
C ARG A 93 19.89 -0.82 23.23
N PRO A 94 20.56 0.20 23.78
CA PRO A 94 20.90 1.29 22.86
C PRO A 94 21.85 0.84 21.74
N LYS A 95 22.92 0.14 22.10
CA LYS A 95 23.88 -0.30 21.10
C LYS A 95 23.28 -1.22 20.04
N LEU A 96 22.48 -2.19 20.48
CA LEU A 96 21.85 -3.13 19.56
C LEU A 96 21.07 -2.44 18.44
N ILE A 97 20.27 -1.45 18.81
CA ILE A 97 19.49 -0.68 17.85
C ILE A 97 20.49 -0.12 16.86
N GLY A 98 21.62 0.32 17.39
CA GLY A 98 22.70 0.83 16.57
C GLY A 98 23.25 -0.22 15.63
N ILE A 99 23.56 -1.41 16.10
CA ILE A 99 24.12 -2.42 15.20
C ILE A 99 23.17 -2.71 14.08
N GLY A 100 21.90 -2.90 14.41
CA GLY A 100 20.89 -3.17 13.41
C GLY A 100 20.70 -2.03 12.43
N CYS A 101 20.69 -0.79 12.93
CA CYS A 101 20.53 0.35 12.05
C CYS A 101 21.67 0.33 11.09
N PHE A 102 22.86 0.16 11.66
CA PHE A 102 24.07 0.18 10.85
C PHE A 102 24.01 -0.87 9.77
N ILE A 103 23.50 -2.06 10.11
CA ILE A 103 23.37 -3.14 9.15
C ILE A 103 22.41 -2.72 8.04
N MET A 104 21.31 -2.07 8.43
CA MET A 104 20.32 -1.61 7.49
C MET A 104 20.97 -0.72 6.44
N GLY A 105 21.84 0.22 6.88
CA GLY A 105 22.54 1.20 6.08
C GLY A 105 23.44 0.51 5.08
N ILE A 106 24.13 -0.54 5.51
CA ILE A 106 25.00 -1.31 4.62
C ILE A 106 24.16 -1.97 3.54
N GLY A 107 22.98 -2.46 3.92
CA GLY A 107 22.08 -3.09 2.97
C GLY A 107 21.64 -2.09 1.90
N GLY A 108 21.38 -0.86 2.31
CA GLY A 108 20.96 0.15 1.34
C GLY A 108 22.05 0.35 0.31
N VAL A 109 23.30 0.45 0.75
CA VAL A 109 24.41 0.58 -0.19
C VAL A 109 24.53 -0.70 -1.01
N LEU A 110 24.34 -1.84 -0.36
CA LEU A 110 24.43 -3.15 -1.01
C LEU A 110 23.36 -3.29 -2.09
N THR A 111 22.18 -2.74 -1.84
CA THR A 111 21.08 -2.90 -2.80
C THR A 111 21.30 -2.14 -4.10
N ALA A 112 22.08 -1.07 -4.08
CA ALA A 112 22.25 -0.26 -5.29
C ALA A 112 23.59 -0.47 -5.97
N LEU A 113 24.37 -1.42 -5.49
CA LEU A 113 25.70 -1.62 -6.07
C LEU A 113 25.66 -1.92 -7.58
N PRO A 114 24.69 -2.73 -8.03
CA PRO A 114 24.72 -3.08 -9.45
C PRO A 114 24.95 -1.90 -10.36
N HIS A 115 24.27 -0.78 -10.13
CA HIS A 115 24.39 0.36 -11.03
C HIS A 115 25.85 0.75 -11.22
N PHE A 116 26.64 0.67 -10.16
CA PHE A 116 28.05 1.02 -10.25
C PHE A 116 28.86 -0.10 -10.90
N PHE A 117 28.31 -1.31 -10.91
CA PHE A 117 29.06 -2.45 -11.46
C PHE A 117 28.48 -2.96 -12.77
N MET A 118 27.61 -2.17 -13.39
CA MET A 118 27.00 -2.58 -14.66
C MET A 118 27.26 -1.56 -15.74
N GLY A 119 27.21 -1.98 -17.00
CA GLY A 119 27.50 -1.07 -18.12
C GLY A 119 26.37 -0.08 -18.38
N TYR A 120 26.42 0.64 -19.49
CA TYR A 120 25.41 1.65 -19.73
C TYR A 120 24.12 0.98 -20.23
N TYR A 121 22.98 1.44 -19.73
CA TYR A 121 21.69 0.84 -20.10
C TYR A 121 21.44 0.97 -21.61
N ARG A 122 20.90 -0.07 -22.23
CA ARG A 122 20.59 -0.05 -23.66
C ARG A 122 19.07 -0.08 -23.84
N TYR A 123 18.54 0.79 -24.69
CA TYR A 123 17.09 0.85 -24.90
C TYR A 123 16.53 -0.45 -25.47
N SER A 124 17.27 -1.02 -26.42
CA SER A 124 16.84 -2.27 -27.05
C SER A 124 18.06 -3.05 -27.55
N LEU A 139 -5.73 2.75 -29.32
CA LEU A 139 -6.99 2.47 -30.00
C LEU A 139 -6.81 2.66 -31.51
N SER A 140 -7.60 1.94 -32.30
CA SER A 140 -7.51 2.06 -33.75
C SER A 140 -8.89 2.10 -34.40
N THR A 141 -8.97 2.72 -35.59
CA THR A 141 -10.21 2.83 -36.34
C THR A 141 -10.60 1.48 -36.92
N CYS A 142 -11.89 1.29 -37.20
CA CYS A 142 -12.37 0.03 -37.73
C CYS A 142 -11.73 -0.33 -39.08
N LEU A 143 -11.31 -1.58 -39.25
CA LEU A 143 -10.69 -2.03 -40.49
C LEU A 143 -11.68 -2.02 -41.65
N ILE A 144 -12.90 -2.46 -41.37
CA ILE A 144 -14.00 -2.55 -42.35
C ILE A 144 -13.57 -3.35 -43.57
N GLU A 156 9.36 -12.14 -24.95
CA GLU A 156 10.80 -12.05 -25.15
C GLU A 156 11.52 -11.67 -23.86
N ILE A 157 10.79 -11.00 -22.96
CA ILE A 157 11.37 -10.58 -21.69
C ILE A 157 11.79 -11.78 -20.86
N VAL A 158 10.98 -12.82 -20.88
CA VAL A 158 11.27 -14.03 -20.13
C VAL A 158 12.55 -14.69 -20.62
N GLY A 159 12.75 -14.69 -21.94
CA GLY A 159 13.93 -15.28 -22.52
C GLY A 159 15.21 -14.58 -22.08
N LYS A 160 15.16 -13.26 -22.00
CA LYS A 160 16.32 -12.48 -21.59
C LYS A 160 16.70 -12.83 -20.15
N GLY A 161 15.67 -12.97 -19.31
CA GLY A 161 15.89 -13.32 -17.91
C GLY A 161 16.49 -14.70 -17.80
N CYS A 162 16.03 -15.63 -18.63
CA CYS A 162 16.52 -17.00 -18.62
C CYS A 162 18.00 -17.05 -18.97
N LEU A 163 18.41 -16.26 -19.96
CA LEU A 163 19.82 -16.19 -20.36
C LEU A 163 20.65 -15.65 -19.19
N LYS A 164 20.11 -14.62 -18.54
CA LYS A 164 20.75 -13.99 -17.39
C LYS A 164 20.88 -14.97 -16.22
N GLU A 165 19.86 -15.80 -16.05
CA GLU A 165 19.80 -16.75 -14.93
C GLU A 165 20.97 -17.73 -14.92
N SER A 166 21.41 -18.17 -16.10
CA SER A 166 22.52 -19.10 -16.18
C SER A 166 23.80 -18.46 -15.61
N GLY A 167 24.63 -19.26 -14.94
CA GLY A 167 25.84 -18.75 -14.33
C GLY A 167 25.55 -17.73 -13.25
N SER A 168 26.19 -16.56 -13.27
CA SER A 168 25.96 -15.54 -12.25
C SER A 168 25.40 -14.25 -12.85
N TYR A 169 24.37 -13.67 -12.22
CA TYR A 169 23.79 -12.44 -12.73
C TYR A 169 23.66 -11.41 -11.62
N MET A 170 23.57 -10.14 -11.98
CA MET A 170 23.42 -9.07 -10.99
C MET A 170 22.07 -9.05 -10.27
N TRP A 171 21.04 -9.79 -10.66
CA TRP A 171 19.79 -9.71 -9.90
C TRP A 171 19.93 -10.27 -8.47
N ILE A 172 20.89 -11.13 -8.24
CA ILE A 172 21.11 -11.66 -6.90
C ILE A 172 21.52 -10.55 -5.92
N TYR A 173 22.30 -9.58 -6.38
CA TYR A 173 22.77 -8.51 -5.50
C TYR A 173 21.64 -7.72 -4.90
N VAL A 174 20.62 -7.38 -5.67
CA VAL A 174 19.51 -6.61 -5.11
C VAL A 174 18.82 -7.44 -4.04
N PHE A 175 18.61 -8.72 -4.31
CA PHE A 175 17.94 -9.60 -3.35
C PHE A 175 18.73 -9.74 -2.07
N MET A 176 20.05 -9.87 -2.16
CA MET A 176 20.85 -10.02 -0.96
C MET A 176 20.69 -8.78 -0.12
N GLY A 177 20.98 -7.60 -0.71
CA GLY A 177 20.91 -6.31 -0.07
C GLY A 177 19.56 -6.05 0.53
N ASN A 178 18.50 -6.42 -0.18
CA ASN A 178 17.15 -6.20 0.28
C ASN A 178 16.88 -6.99 1.56
N MET A 179 17.39 -8.22 1.61
CA MET A 179 17.24 -9.07 2.80
C MET A 179 17.96 -8.46 4.00
N LEU A 180 19.10 -7.82 3.76
CA LEU A 180 19.87 -7.18 4.83
C LEU A 180 19.05 -6.09 5.52
N ARG A 181 18.25 -5.34 4.76
CA ARG A 181 17.40 -4.32 5.35
C ARG A 181 16.44 -4.96 6.34
N GLY A 182 15.85 -6.10 5.97
CA GLY A 182 14.93 -6.78 6.86
C GLY A 182 15.63 -7.19 8.14
N ILE A 183 16.85 -7.70 8.04
CA ILE A 183 17.60 -8.09 9.22
C ILE A 183 17.89 -6.87 10.06
N GLY A 184 18.20 -5.76 9.40
CA GLY A 184 18.51 -4.53 10.09
C GLY A 184 17.32 -3.91 10.81
N GLU A 185 16.13 -4.12 10.27
CA GLU A 185 14.90 -3.61 10.86
C GLU A 185 14.52 -4.24 12.20
N THR A 186 14.78 -5.53 12.34
CA THR A 186 14.42 -6.29 13.55
C THR A 186 14.61 -5.60 14.89
N PRO A 187 15.73 -4.92 15.13
CA PRO A 187 15.82 -4.27 16.44
C PRO A 187 15.37 -2.82 16.56
N ILE A 188 14.55 -2.31 15.64
CA ILE A 188 14.17 -0.90 15.70
C ILE A 188 12.89 -0.72 16.51
N VAL A 189 11.91 -1.61 16.34
CA VAL A 189 10.71 -1.53 17.11
C VAL A 189 10.65 -2.43 18.32
N PRO A 190 10.92 -3.76 18.19
CA PRO A 190 10.83 -4.48 19.48
C PRO A 190 11.84 -4.01 20.52
N LEU A 191 13.12 -3.96 20.21
CA LEU A 191 14.09 -3.50 21.20
C LEU A 191 13.93 -2.04 21.58
N GLY A 192 13.71 -1.17 20.60
CA GLY A 192 13.57 0.24 20.88
C GLY A 192 12.37 0.66 21.71
N LEU A 193 11.19 0.13 21.38
CA LEU A 193 9.96 0.46 22.10
C LEU A 193 10.00 -0.03 23.53
N SER A 194 10.61 -1.18 23.74
CA SER A 194 10.72 -1.75 25.07
C SER A 194 11.51 -0.84 26.00
N TYR A 195 12.58 -0.24 25.49
CA TYR A 195 13.43 0.63 26.28
C TYR A 195 12.70 1.86 26.82
N ILE A 196 11.85 2.46 25.99
CA ILE A 196 11.13 3.65 26.41
C ILE A 196 10.23 3.38 27.61
N ASP A 197 9.53 2.25 27.58
CA ASP A 197 8.61 1.89 28.66
C ASP A 197 9.22 1.62 30.02
N ASP A 198 10.34 0.90 30.06
CA ASP A 198 10.95 0.60 31.34
C ASP A 198 11.45 1.83 32.11
N PHE A 199 12.05 2.78 31.39
CA PHE A 199 12.60 3.96 32.04
C PHE A 199 11.77 5.24 31.99
N ALA A 200 10.58 5.18 31.41
CA ALA A 200 9.72 6.37 31.37
C ALA A 200 9.24 6.68 32.78
N LYS A 201 9.05 7.96 33.08
CA LYS A 201 8.64 8.35 34.43
C LYS A 201 7.11 8.47 34.57
N GLU A 202 6.52 7.82 35.58
CA GLU A 202 5.08 7.90 35.81
C GLU A 202 4.25 7.45 34.56
N GLY A 203 3.28 8.22 34.01
CA GLY A 203 2.52 7.78 32.87
C GLY A 203 2.94 8.39 31.54
N HIS A 204 4.12 9.00 31.52
CA HIS A 204 4.65 9.67 30.34
C HIS A 204 4.96 8.79 29.12
N SER A 205 5.08 7.47 29.28
CA SER A 205 5.45 6.63 28.16
C SER A 205 4.53 6.74 26.96
N SER A 206 3.23 6.89 27.19
CA SER A 206 2.31 7.01 26.08
C SER A 206 2.58 8.23 25.22
N LEU A 207 2.83 9.36 25.87
CA LEU A 207 3.08 10.61 25.16
C LEU A 207 4.32 10.55 24.28
N TYR A 208 5.39 9.94 24.78
CA TYR A 208 6.63 9.83 24.01
C TYR A 208 6.39 8.99 22.77
N LEU A 209 5.63 7.92 22.91
CA LEU A 209 5.33 7.04 21.78
C LEU A 209 4.53 7.78 20.73
N GLY A 210 3.61 8.64 21.15
CA GLY A 210 2.83 9.41 20.22
C GLY A 210 3.72 10.33 19.40
N ILE A 211 4.70 10.95 20.04
CA ILE A 211 5.59 11.85 19.32
C ILE A 211 6.42 11.12 18.27
N LEU A 212 6.89 9.93 18.59
CA LEU A 212 7.72 9.17 17.65
C LEU A 212 6.92 8.85 16.41
N ASN A 213 5.68 8.43 16.58
CA ASN A 213 4.85 8.15 15.43
C ASN A 213 4.60 9.41 14.61
N ALA A 214 4.43 10.54 15.29
CA ALA A 214 4.21 11.80 14.60
C ALA A 214 5.40 12.07 13.71
N ILE A 215 6.61 11.94 14.26
CA ILE A 215 7.86 12.14 13.51
C ILE A 215 8.03 11.10 12.41
N ALA A 216 7.58 9.88 12.69
CA ALA A 216 7.63 8.75 11.76
C ALA A 216 6.87 9.01 10.46
N MET A 217 5.76 9.75 10.55
CA MET A 217 4.93 10.11 9.41
C MET A 217 5.71 10.94 8.37
N ILE A 218 6.67 11.76 8.80
CA ILE A 218 7.48 12.57 7.88
C ILE A 218 8.26 11.70 6.89
N GLY A 219 8.75 10.55 7.34
CA GLY A 219 9.48 9.60 6.49
C GLY A 219 8.90 9.43 5.09
N PRO A 220 7.63 9.02 5.00
CA PRO A 220 7.06 8.93 3.66
C PRO A 220 7.09 10.27 2.92
N ILE A 221 6.77 11.37 3.60
CA ILE A 221 6.78 12.69 2.96
C ILE A 221 8.14 12.99 2.33
N ILE A 222 9.21 12.85 3.09
CA ILE A 222 10.54 13.11 2.53
C ILE A 222 10.83 12.10 1.42
N GLY A 223 10.27 10.90 1.57
CA GLY A 223 10.49 9.86 0.59
C GLY A 223 9.80 9.97 -0.73
N PHE A 224 8.65 10.64 -0.78
CA PHE A 224 7.99 10.86 -2.05
C PHE A 224 8.63 11.99 -2.78
N THR A 225 9.00 13.04 -2.08
CA THR A 225 9.71 14.13 -2.72
C THR A 225 10.96 13.58 -3.39
N LEU A 226 11.91 13.15 -2.60
CA LEU A 226 13.17 12.64 -3.15
C LEU A 226 12.94 11.45 -4.05
N GLY A 227 12.04 10.56 -3.66
CA GLY A 227 11.78 9.36 -4.43
C GLY A 227 11.33 9.67 -5.85
N SER A 228 10.36 10.56 -5.99
CA SER A 228 9.88 10.94 -7.31
C SER A 228 10.88 11.85 -7.99
N LEU A 229 11.49 12.75 -7.24
CA LEU A 229 12.45 13.67 -7.82
C LEU A 229 13.58 12.89 -8.48
N PHE A 230 14.11 11.89 -7.77
CA PHE A 230 15.20 11.09 -8.32
C PHE A 230 14.75 10.42 -9.60
N SER A 231 13.53 9.90 -9.61
CA SER A 231 13.02 9.24 -10.79
C SER A 231 13.16 10.16 -12.00
N LYS A 232 12.93 11.46 -11.80
CA LYS A 232 13.16 12.39 -12.91
C LYS A 232 14.62 12.35 -13.39
N MET A 233 15.57 12.10 -12.50
CA MET A 233 16.98 11.97 -12.89
C MET A 233 17.25 10.61 -13.55
N TYR A 234 18.08 10.58 -14.60
CA TYR A 234 18.42 9.35 -15.35
C TYR A 234 19.30 8.42 -14.49
N VAL A 235 19.29 7.12 -14.77
CA VAL A 235 19.96 6.15 -13.90
C VAL A 235 21.47 6.38 -13.91
N ASP A 236 22.04 6.59 -15.08
CA ASP A 236 23.48 6.87 -15.20
C ASP A 236 23.38 8.39 -15.33
N ILE A 237 23.38 9.05 -14.18
CA ILE A 237 23.47 10.49 -14.20
C ILE A 237 24.91 10.73 -13.79
N GLY A 238 25.58 11.66 -14.45
CA GLY A 238 26.98 11.95 -14.20
C GLY A 238 27.93 11.14 -15.06
N TYR A 239 27.51 9.92 -15.42
CA TYR A 239 28.35 9.08 -16.27
C TYR A 239 28.12 9.38 -17.75
N VAL A 240 26.87 9.44 -18.18
CA VAL A 240 26.53 9.68 -19.57
C VAL A 240 26.07 11.12 -19.72
N ASP A 241 26.31 11.68 -20.90
CA ASP A 241 25.89 13.04 -21.23
C ASP A 241 24.38 13.01 -21.45
N LEU A 242 23.63 13.68 -20.57
CA LEU A 242 22.17 13.58 -20.54
C LEU A 242 21.50 14.28 -21.71
N SER A 243 22.27 14.81 -22.66
CA SER A 243 21.69 15.44 -23.84
C SER A 243 21.34 14.44 -24.92
N THR A 244 21.85 13.21 -24.85
CA THR A 244 21.64 12.20 -25.89
C THR A 244 20.57 11.18 -25.54
N ILE A 245 20.26 11.00 -24.26
CA ILE A 245 19.26 10.02 -23.83
C ILE A 245 17.90 10.40 -24.39
N ARG A 246 17.31 9.51 -25.16
CA ARG A 246 16.05 9.82 -25.80
C ARG A 246 14.86 9.54 -24.92
N ILE A 247 14.95 8.53 -24.06
CA ILE A 247 13.79 8.16 -23.27
C ILE A 247 13.45 9.28 -22.30
N THR A 248 12.17 9.46 -22.05
CA THR A 248 11.63 10.52 -21.23
C THR A 248 11.03 9.94 -19.95
N PRO A 249 10.88 10.75 -18.89
CA PRO A 249 10.34 10.22 -17.63
C PRO A 249 8.94 9.63 -17.76
N THR A 250 8.24 9.99 -18.83
CA THR A 250 6.91 9.46 -19.09
C THR A 250 7.03 8.19 -19.93
N ASP A 251 8.15 8.04 -20.60
CA ASP A 251 8.41 6.88 -21.45
C ASP A 251 8.48 5.58 -20.67
N SER A 252 7.91 4.52 -21.24
CA SER A 252 7.91 3.19 -20.62
C SER A 252 9.33 2.63 -20.47
N ARG A 253 10.15 2.86 -21.48
CA ARG A 253 11.53 2.37 -21.49
C ARG A 253 12.38 2.94 -20.35
N TRP A 254 12.19 4.24 -20.10
CA TRP A 254 12.93 4.99 -19.09
C TRP A 254 13.18 4.25 -17.79
N VAL A 255 14.45 4.17 -17.39
CA VAL A 255 14.82 3.50 -16.16
C VAL A 255 15.25 4.51 -15.11
N GLY A 256 14.59 4.45 -13.96
CA GLY A 256 14.85 5.34 -12.84
C GLY A 256 16.11 5.03 -12.06
N ALA A 257 16.55 6.00 -11.27
CA ALA A 257 17.75 5.82 -10.48
C ALA A 257 17.64 5.05 -9.16
N TRP A 258 17.31 3.75 -9.23
CA TRP A 258 17.30 2.89 -8.08
C TRP A 258 18.63 3.05 -7.28
N TRP A 259 19.75 3.31 -7.95
CA TRP A 259 21.03 3.46 -7.27
C TRP A 259 21.13 4.70 -6.33
N LEU A 260 20.57 5.82 -6.76
CA LEU A 260 20.55 6.99 -5.88
C LEU A 260 19.38 6.86 -4.93
N ASN A 261 18.32 6.21 -5.37
CA ASN A 261 17.16 6.01 -4.51
C ASN A 261 17.53 5.18 -3.31
N PHE A 262 18.33 4.14 -3.52
CA PHE A 262 18.72 3.27 -2.43
C PHE A 262 19.98 3.77 -1.75
N LEU A 263 20.68 4.72 -2.39
CA LEU A 263 21.86 5.30 -1.74
C LEU A 263 21.49 6.33 -0.68
N VAL A 264 20.51 7.18 -0.95
CA VAL A 264 20.13 8.16 0.05
C VAL A 264 19.60 7.47 1.29
N SER A 265 18.78 6.43 1.10
CA SER A 265 18.24 5.71 2.24
C SER A 265 19.36 5.06 3.03
N GLY A 266 20.31 4.48 2.32
CA GLY A 266 21.43 3.84 2.98
C GLY A 266 22.27 4.86 3.73
N LEU A 267 22.55 5.99 3.10
CA LEU A 267 23.35 7.01 3.76
C LEU A 267 22.60 7.56 4.95
N PHE A 268 21.30 7.76 4.79
CA PHE A 268 20.50 8.29 5.88
C PHE A 268 20.50 7.31 7.05
N SER A 269 20.39 6.02 6.76
CA SER A 269 20.42 5.05 7.82
C SER A 269 21.78 4.99 8.52
N ILE A 270 22.87 5.04 7.74
CA ILE A 270 24.20 4.98 8.33
C ILE A 270 24.48 6.15 9.24
N ILE A 271 24.09 7.35 8.82
CA ILE A 271 24.29 8.55 9.65
C ILE A 271 23.40 8.47 10.90
N SER A 272 22.21 7.90 10.75
CA SER A 272 21.25 7.77 11.83
C SER A 272 21.76 6.92 12.98
N SER A 273 22.53 5.89 12.67
CA SER A 273 23.06 5.02 13.71
C SER A 273 24.04 5.69 14.68
N ILE A 274 24.88 6.59 14.18
CA ILE A 274 25.92 7.24 15.00
C ILE A 274 25.56 7.70 16.42
N PRO A 275 24.40 8.32 16.63
CA PRO A 275 24.12 8.71 18.02
C PRO A 275 24.00 7.55 19.02
N PHE A 276 23.51 6.40 18.57
CA PHE A 276 23.29 5.27 19.46
C PHE A 276 24.52 4.69 20.14
N PHE A 277 25.64 4.60 19.44
CA PHE A 277 26.81 3.99 20.02
C PHE A 277 27.27 4.70 21.29
N PHE A 278 27.26 6.02 21.27
CA PHE A 278 27.67 6.80 22.43
C PHE A 278 26.76 6.66 23.66
N LEU A 279 25.45 6.61 23.43
CA LEU A 279 24.45 6.49 24.51
C LEU A 279 24.77 5.46 25.60
N PRO A 280 24.48 5.81 26.87
CA PRO A 280 24.75 4.85 27.95
C PRO A 280 23.70 3.73 27.99
N GLN A 281 24.01 2.65 28.70
CA GLN A 281 23.09 1.52 28.79
C GLN A 281 21.79 1.91 29.49
N THR A 282 21.90 2.69 30.55
CA THR A 282 20.73 3.14 31.31
C THR A 282 20.87 4.62 31.66
N PRO A 283 19.74 5.34 31.73
CA PRO A 283 19.81 6.78 32.05
C PRO A 283 20.07 7.01 33.53
N THR A 323 17.43 -23.39 26.13
CA THR A 323 16.02 -23.63 26.44
C THR A 323 15.32 -22.38 26.93
N GLY A 324 16.05 -21.30 27.14
CA GLY A 324 15.44 -20.08 27.64
C GLY A 324 14.41 -19.49 26.69
N PHE A 325 14.73 -19.46 25.40
CA PHE A 325 13.79 -18.92 24.43
C PHE A 325 12.51 -19.73 24.30
N PHE A 326 12.61 -21.05 24.23
CA PHE A 326 11.41 -21.87 24.07
C PHE A 326 10.46 -21.75 25.25
N GLN A 327 10.98 -21.77 26.47
CA GLN A 327 10.13 -21.66 27.64
C GLN A 327 9.46 -20.29 27.71
N SER A 328 10.24 -19.23 27.47
CA SER A 328 9.71 -17.88 27.51
C SER A 328 8.69 -17.61 26.42
N PHE A 329 8.97 -18.11 25.22
CA PHE A 329 8.06 -17.91 24.11
C PHE A 329 6.73 -18.58 24.38
N LYS A 330 6.75 -19.71 25.07
CA LYS A 330 5.50 -20.38 25.44
C LYS A 330 4.69 -19.50 26.38
N SER A 331 5.34 -18.98 27.42
CA SER A 331 4.64 -18.13 28.38
C SER A 331 3.99 -16.93 27.73
N ILE A 332 4.52 -16.45 26.62
CA ILE A 332 3.84 -15.32 25.95
C ILE A 332 2.44 -15.75 25.56
N LEU A 333 2.34 -17.02 25.18
CA LEU A 333 1.08 -17.67 24.82
C LEU A 333 0.48 -18.25 26.11
N THR A 334 -0.72 -18.83 26.02
CA THR A 334 -1.43 -19.38 27.21
C THR A 334 -1.55 -18.29 28.30
N ASN A 335 -1.92 -17.09 27.85
CA ASN A 335 -2.02 -15.88 28.63
C ASN A 335 -3.25 -15.27 27.98
N PRO A 336 -4.46 -15.78 28.38
CA PRO A 336 -5.76 -15.36 27.84
C PRO A 336 -5.91 -13.93 27.34
N LEU A 337 -5.55 -12.94 28.14
CA LEU A 337 -5.69 -11.57 27.67
C LEU A 337 -4.79 -11.31 26.46
N TYR A 338 -3.55 -11.77 26.52
CA TYR A 338 -2.61 -11.55 25.42
C TYR A 338 -2.83 -12.29 24.11
N VAL A 339 -3.20 -13.56 24.17
CA VAL A 339 -3.38 -14.35 22.96
C VAL A 339 -4.51 -13.83 22.10
N MET A 340 -5.67 -13.59 22.71
CA MET A 340 -6.78 -13.05 21.95
C MET A 340 -6.50 -11.62 21.51
N PHE A 341 -5.74 -10.85 22.28
CA PHE A 341 -5.38 -9.50 21.83
C PHE A 341 -4.53 -9.52 20.55
N VAL A 342 -3.66 -10.51 20.38
CA VAL A 342 -2.88 -10.55 19.16
C VAL A 342 -3.72 -11.00 17.97
N LEU A 343 -4.66 -11.90 18.20
CA LEU A 343 -5.58 -12.28 17.13
C LEU A 343 -6.51 -11.12 16.84
N LEU A 344 -6.91 -10.41 17.88
CA LEU A 344 -7.82 -9.27 17.71
C LEU A 344 -7.22 -8.23 16.80
N THR A 345 -5.95 -7.90 17.01
CA THR A 345 -5.31 -6.88 16.21
C THR A 345 -4.91 -7.40 14.82
N LEU A 346 -4.76 -8.70 14.67
CA LEU A 346 -4.45 -9.21 13.34
C LEU A 346 -5.66 -8.95 12.46
N LEU A 347 -6.87 -9.23 12.95
CA LEU A 347 -8.07 -8.96 12.17
C LEU A 347 -8.30 -7.48 11.90
N GLN A 348 -8.15 -6.63 12.92
CA GLN A 348 -8.36 -5.20 12.70
C GLN A 348 -7.31 -4.56 11.80
N VAL A 349 -6.04 -4.88 12.02
CA VAL A 349 -4.97 -4.32 11.21
C VAL A 349 -5.09 -4.77 9.76
N SER A 350 -5.49 -6.02 9.56
CA SER A 350 -5.64 -6.53 8.20
C SER A 350 -6.72 -5.74 7.47
N SER A 351 -7.82 -5.44 8.15
CA SER A 351 -8.84 -4.67 7.50
C SER A 351 -8.32 -3.30 7.11
N TYR A 352 -7.62 -2.64 8.03
CA TYR A 352 -7.08 -1.33 7.72
C TYR A 352 -6.01 -1.41 6.64
N ILE A 353 -5.11 -2.38 6.75
CA ILE A 353 -4.05 -2.54 5.77
C ILE A 353 -4.63 -2.93 4.42
N GLY A 354 -5.61 -3.81 4.45
CA GLY A 354 -6.25 -4.24 3.22
C GLY A 354 -6.96 -3.07 2.56
N ALA A 355 -7.63 -2.26 3.37
CA ALA A 355 -8.36 -1.12 2.84
C ALA A 355 -7.44 -0.11 2.19
N PHE A 356 -6.31 0.16 2.83
CA PHE A 356 -5.35 1.13 2.32
C PHE A 356 -4.78 0.71 0.98
N THR A 357 -4.48 -0.58 0.82
CA THR A 357 -3.87 -1.07 -0.41
C THR A 357 -4.78 -0.90 -1.62
N TYR A 358 -6.06 -1.18 -1.46
CA TYR A 358 -7.01 -1.08 -2.56
C TYR A 358 -7.92 0.15 -2.55
N VAL A 359 -7.73 1.09 -1.63
CA VAL A 359 -8.64 2.23 -1.59
C VAL A 359 -8.60 3.04 -2.87
N PHE A 360 -7.42 3.22 -3.46
CA PHE A 360 -7.32 3.97 -4.70
C PHE A 360 -8.09 3.26 -5.79
N LYS A 361 -7.96 1.93 -5.85
CA LYS A 361 -8.68 1.18 -6.85
C LYS A 361 -10.18 1.31 -6.62
N TYR A 362 -10.62 1.25 -5.37
CA TYR A 362 -12.04 1.38 -5.08
C TYR A 362 -12.55 2.76 -5.46
N VAL A 363 -11.79 3.79 -5.10
CA VAL A 363 -12.21 5.15 -5.39
C VAL A 363 -12.29 5.37 -6.89
N GLU A 364 -11.31 4.86 -7.62
CA GLU A 364 -11.31 5.02 -9.06
C GLU A 364 -12.46 4.32 -9.75
N GLN A 365 -12.73 3.07 -9.38
CA GLN A 365 -13.82 2.32 -9.99
C GLN A 365 -15.22 2.79 -9.65
N GLN A 366 -15.45 3.07 -8.37
CA GLN A 366 -16.75 3.50 -7.88
C GLN A 366 -17.22 4.89 -8.30
N TYR A 367 -16.34 5.88 -8.21
CA TYR A 367 -16.71 7.25 -8.52
C TYR A 367 -16.10 7.80 -9.81
N GLY A 368 -15.37 6.96 -10.53
CA GLY A 368 -14.71 7.41 -11.75
C GLY A 368 -13.57 8.36 -11.41
N GLN A 369 -13.72 9.11 -10.34
CA GLN A 369 -12.67 10.04 -9.93
C GLN A 369 -11.35 9.29 -9.86
N PRO A 370 -10.33 9.79 -10.54
CA PRO A 370 -9.05 9.09 -10.56
C PRO A 370 -8.17 9.48 -9.40
N SER A 371 -7.22 8.63 -9.03
CA SER A 371 -6.29 8.98 -7.96
C SER A 371 -5.30 10.00 -8.49
N SER A 372 -5.24 10.15 -9.81
CA SER A 372 -4.33 11.12 -10.40
C SER A 372 -4.60 12.50 -9.85
N LYS A 373 -5.88 12.83 -9.66
CA LYS A 373 -6.24 14.13 -9.09
C LYS A 373 -6.56 13.99 -7.61
N ALA A 374 -6.73 12.76 -7.15
CA ALA A 374 -7.09 12.53 -5.76
C ALA A 374 -5.85 12.31 -4.91
N ASN A 375 -5.14 11.22 -5.16
CA ASN A 375 -3.96 10.90 -4.37
C ASN A 375 -2.98 12.05 -4.38
N ILE A 376 -2.84 12.72 -5.52
CA ILE A 376 -1.88 13.81 -5.63
C ILE A 376 -2.09 14.87 -4.56
N LEU A 377 -3.35 15.16 -4.23
CA LEU A 377 -3.64 16.21 -3.25
C LEU A 377 -4.15 15.61 -1.96
N LEU A 378 -5.14 14.74 -2.05
CA LEU A 378 -5.71 14.14 -0.85
C LEU A 378 -4.65 13.35 -0.09
N GLY A 379 -3.70 12.77 -0.82
CA GLY A 379 -2.62 12.05 -0.17
C GLY A 379 -1.77 12.97 0.67
N VAL A 380 -1.89 14.28 0.44
CA VAL A 380 -1.08 15.24 1.17
C VAL A 380 -1.77 15.76 2.42
N ILE A 381 -2.81 16.57 2.24
CA ILE A 381 -3.56 17.11 3.37
C ILE A 381 -3.71 16.02 4.41
N THR A 382 -3.78 14.78 3.96
CA THR A 382 -3.91 13.65 4.87
C THR A 382 -2.78 13.38 5.88
N ILE A 383 -1.53 13.51 5.45
CA ILE A 383 -0.40 13.20 6.35
C ILE A 383 -0.43 13.95 7.69
N PRO A 384 -0.60 15.28 7.68
CA PRO A 384 -0.60 15.92 9.00
C PRO A 384 -1.76 15.46 9.86
N ILE A 385 -2.95 15.29 9.30
CA ILE A 385 -4.08 14.86 10.10
C ILE A 385 -3.84 13.48 10.68
N PHE A 386 -3.28 12.56 9.90
CA PHE A 386 -3.00 11.23 10.43
C PHE A 386 -1.95 11.36 11.53
N ALA A 387 -0.93 12.18 11.28
CA ALA A 387 0.13 12.42 12.25
C ALA A 387 -0.43 13.09 13.49
N SER A 388 -1.37 14.01 13.30
CA SER A 388 -1.99 14.73 14.40
C SER A 388 -2.75 13.76 15.30
N GLY A 389 -3.42 12.80 14.69
CA GLY A 389 -4.16 11.82 15.45
C GLY A 389 -3.25 10.99 16.33
N MET A 390 -2.09 10.59 15.82
CA MET A 390 -1.18 9.78 16.60
C MET A 390 -0.69 10.51 17.83
N PHE A 391 -0.30 11.76 17.66
CA PHE A 391 0.16 12.56 18.78
C PHE A 391 -0.94 12.84 19.80
N LEU A 392 -2.12 13.15 19.29
CA LEU A 392 -3.28 13.45 20.14
C LEU A 392 -3.66 12.23 20.95
N GLY A 393 -3.60 11.06 20.32
CA GLY A 393 -3.96 9.83 21.01
C GLY A 393 -3.02 9.60 22.16
N GLY A 394 -1.72 9.81 21.92
CA GLY A 394 -0.75 9.65 22.97
C GLY A 394 -0.99 10.66 24.07
N TYR A 395 -1.29 11.90 23.67
CA TYR A 395 -1.52 12.97 24.63
C TYR A 395 -2.72 12.71 25.50
N ILE A 396 -3.79 12.19 24.91
CA ILE A 396 -5.01 11.94 25.67
C ILE A 396 -4.75 10.90 26.75
N ILE A 397 -4.00 9.86 26.41
CA ILE A 397 -3.70 8.85 27.39
C ILE A 397 -2.86 9.41 28.52
N LYS A 398 -1.88 10.25 28.18
CA LYS A 398 -1.02 10.85 29.20
C LYS A 398 -1.71 11.82 30.15
N LYS A 399 -2.54 12.72 29.60
CA LYS A 399 -3.19 13.73 30.44
C LYS A 399 -4.15 13.18 31.47
N PHE A 400 -4.98 12.22 31.05
CA PHE A 400 -5.92 11.60 31.96
C PHE A 400 -5.21 10.50 32.72
N LYS A 401 -5.76 10.06 33.84
CA LYS A 401 -5.13 8.97 34.54
C LYS A 401 -5.80 7.74 33.97
N LEU A 402 -5.08 6.92 33.22
CA LEU A 402 -5.70 5.76 32.63
C LEU A 402 -5.03 4.45 33.06
N ASN A 403 -5.83 3.47 33.52
CA ASN A 403 -5.32 2.17 33.92
C ASN A 403 -5.31 1.25 32.71
N THR A 404 -4.85 0.01 32.87
CA THR A 404 -4.84 -0.91 31.73
C THR A 404 -6.26 -1.13 31.22
N VAL A 405 -7.23 -1.29 32.12
CA VAL A 405 -8.62 -1.46 31.72
C VAL A 405 -9.10 -0.21 31.00
N GLY A 406 -8.72 0.95 31.54
CA GLY A 406 -9.11 2.21 30.96
C GLY A 406 -8.58 2.40 29.56
N ILE A 407 -7.33 2.02 29.33
CA ILE A 407 -6.74 2.18 28.01
C ILE A 407 -7.49 1.36 26.98
N ALA A 408 -7.85 0.14 27.36
CA ALA A 408 -8.58 -0.72 26.45
C ALA A 408 -9.92 -0.12 26.12
N LYS A 409 -10.61 0.46 27.10
CA LYS A 409 -11.90 1.08 26.85
C LYS A 409 -11.76 2.22 25.87
N PHE A 410 -10.73 3.03 26.05
CA PHE A 410 -10.46 4.13 25.14
C PHE A 410 -10.16 3.61 23.76
N SER A 411 -9.39 2.51 23.68
CA SER A 411 -9.07 1.92 22.38
C SER A 411 -10.36 1.46 21.72
N CYS A 412 -11.24 0.84 22.49
CA CYS A 412 -12.52 0.36 21.98
C CYS A 412 -13.39 1.49 21.50
N PHE A 413 -13.36 2.61 22.19
CA PHE A 413 -14.17 3.74 21.76
C PHE A 413 -13.76 4.20 20.37
N THR A 414 -12.47 4.24 20.08
CA THR A 414 -12.04 4.59 18.74
C THR A 414 -12.52 3.54 17.74
N ALA A 415 -12.44 2.27 18.12
CA ALA A 415 -12.88 1.20 17.23
C ALA A 415 -14.37 1.31 16.96
N VAL A 416 -15.17 1.60 17.97
CA VAL A 416 -16.61 1.72 17.74
C VAL A 416 -16.88 2.87 16.80
N MET A 417 -16.20 3.99 17.01
CA MET A 417 -16.38 5.13 16.14
C MET A 417 -15.89 4.84 14.75
N SER A 418 -14.76 4.15 14.64
CA SER A 418 -14.22 3.85 13.34
C SER A 418 -15.16 2.97 12.55
N LEU A 419 -15.70 1.94 13.18
CA LEU A 419 -16.62 1.04 12.50
C LEU A 419 -17.91 1.71 12.09
N SER A 420 -18.47 2.56 12.94
CA SER A 420 -19.72 3.24 12.61
C SER A 420 -19.50 4.12 11.40
N PHE A 421 -18.39 4.85 11.38
CA PHE A 421 -18.06 5.69 10.25
C PHE A 421 -17.79 4.82 9.02
N TYR A 422 -17.12 3.70 9.23
CA TYR A 422 -16.81 2.77 8.14
C TYR A 422 -18.08 2.21 7.54
N LEU A 423 -19.06 1.91 8.39
CA LEU A 423 -20.36 1.39 7.95
C LEU A 423 -21.17 2.40 7.12
N LEU A 424 -20.93 3.70 7.33
CA LEU A 424 -21.59 4.78 6.59
C LEU A 424 -21.27 4.79 5.08
N TYR A 425 -20.12 4.23 4.67
CA TYR A 425 -19.71 4.19 3.27
C TYR A 425 -20.72 3.48 2.37
N PHE A 426 -21.37 2.43 2.86
CA PHE A 426 -22.33 1.71 2.03
C PHE A 426 -23.47 2.62 1.56
N PHE A 427 -23.96 3.48 2.44
CA PHE A 427 -25.06 4.35 2.07
C PHE A 427 -24.72 5.30 0.93
N ILE A 428 -23.49 5.83 0.94
CA ILE A 428 -23.05 6.74 -0.11
C ILE A 428 -22.41 6.05 -1.33
N LEU A 429 -23.20 5.36 -2.15
CA LEU A 429 -22.70 4.65 -3.33
C LEU A 429 -23.34 5.11 -4.64
N CYS A 430 -22.54 5.44 -5.65
CA CYS A 430 -23.06 5.84 -6.97
C CYS A 430 -23.50 4.62 -7.76
N GLU A 431 -24.27 4.83 -8.82
CA GLU A 431 -24.78 3.75 -9.67
C GLU A 431 -23.68 3.04 -10.45
N ASN A 432 -23.95 1.80 -10.85
CA ASN A 432 -22.98 0.99 -11.58
C ASN A 432 -22.56 1.56 -12.92
N LYS A 433 -21.29 1.35 -13.30
CA LYS A 433 -20.80 1.83 -14.57
C LYS A 433 -21.56 1.13 -15.67
N SER A 434 -21.92 1.84 -16.72
CA SER A 434 -22.62 1.19 -17.82
C SER A 434 -21.62 1.09 -18.97
N VAL A 435 -21.26 -0.13 -19.39
CA VAL A 435 -20.33 -0.29 -20.49
C VAL A 435 -20.97 -1.12 -21.58
N ALA A 436 -20.95 -0.64 -22.83
CA ALA A 436 -21.55 -1.38 -23.91
C ALA A 436 -20.78 -2.69 -24.10
N GLY A 437 -21.49 -3.79 -24.32
CA GLY A 437 -20.84 -5.07 -24.52
C GLY A 437 -20.52 -5.89 -23.28
N LEU A 438 -20.79 -5.37 -22.09
CA LEU A 438 -20.54 -6.12 -20.86
C LEU A 438 -21.82 -6.16 -20.01
N THR A 439 -22.19 -5.05 -19.37
CA THR A 439 -23.41 -5.01 -18.57
C THR A 439 -24.61 -5.12 -19.50
N MET A 440 -24.50 -4.43 -20.63
CA MET A 440 -25.54 -4.39 -21.63
C MET A 440 -24.98 -4.70 -23.00
N THR A 441 -25.88 -4.99 -23.93
CA THR A 441 -25.54 -5.30 -25.31
C THR A 441 -25.02 -4.05 -26.03
N TYR A 442 -24.28 -4.23 -27.11
CA TYR A 442 -23.70 -3.12 -27.85
C TYR A 442 -24.76 -2.16 -28.37
N ASP A 443 -25.89 -2.69 -28.83
CA ASP A 443 -27.00 -1.87 -29.30
C ASP A 443 -27.58 -1.04 -28.14
N GLY A 444 -27.64 -1.64 -26.96
CA GLY A 444 -28.16 -0.98 -25.78
C GLY A 444 -29.66 -1.13 -25.60
N ASN A 445 -30.29 -1.94 -26.45
CA ASN A 445 -31.73 -2.16 -26.37
C ASN A 445 -32.14 -2.82 -25.05
N ASN A 446 -31.35 -3.79 -24.60
CA ASN A 446 -31.65 -4.49 -23.36
C ASN A 446 -30.39 -4.95 -22.64
N PRO A 447 -30.49 -5.19 -21.32
CA PRO A 447 -29.32 -5.63 -20.57
C PRO A 447 -28.99 -7.12 -20.75
N VAL A 448 -27.74 -7.49 -20.50
CA VAL A 448 -27.31 -8.88 -20.62
C VAL A 448 -26.89 -9.38 -19.23
N THR A 449 -27.42 -10.52 -18.80
CA THR A 449 -27.11 -11.05 -17.49
C THR A 449 -25.64 -11.42 -17.29
N SER A 450 -25.03 -12.02 -18.31
CA SER A 450 -23.63 -12.42 -18.21
C SER A 450 -22.75 -11.73 -19.25
N HIS A 451 -21.62 -11.15 -18.82
CA HIS A 451 -20.71 -10.48 -19.75
C HIS A 451 -20.12 -11.48 -20.74
N ARG A 452 -19.82 -12.68 -20.26
CA ARG A 452 -19.23 -13.72 -21.10
C ARG A 452 -20.17 -14.13 -22.23
N ASP A 453 -19.61 -14.44 -23.40
CA ASP A 453 -20.36 -14.86 -24.59
C ASP A 453 -21.44 -13.86 -24.99
N VAL A 454 -21.12 -12.57 -24.93
CA VAL A 454 -22.07 -11.53 -25.29
C VAL A 454 -22.23 -11.51 -26.81
N PRO A 455 -23.46 -11.73 -27.30
CA PRO A 455 -23.62 -11.73 -28.75
C PRO A 455 -23.50 -10.31 -29.30
N LEU A 456 -22.66 -10.10 -30.32
CA LEU A 456 -22.47 -8.77 -30.88
C LEU A 456 -23.75 -8.26 -31.54
N SER A 457 -24.04 -6.96 -31.41
CA SER A 457 -25.21 -6.35 -32.01
C SER A 457 -24.96 -6.05 -33.48
N TYR A 458 -25.99 -5.64 -34.21
CA TYR A 458 -25.83 -5.37 -35.63
C TYR A 458 -24.79 -4.28 -35.87
N CYS A 459 -24.79 -3.22 -35.07
CA CYS A 459 -23.79 -2.17 -35.24
C CYS A 459 -22.41 -2.75 -34.96
N ASN A 460 -22.31 -3.55 -33.90
CA ASN A 460 -21.07 -4.21 -33.51
C ASN A 460 -20.59 -5.25 -34.52
N SER A 461 -21.53 -6.00 -35.08
CA SER A 461 -21.26 -7.09 -36.02
C SER A 461 -20.61 -6.65 -37.32
N ASP A 462 -20.99 -5.48 -37.83
CA ASP A 462 -20.45 -4.99 -39.09
C ASP A 462 -18.93 -4.83 -39.04
N CYS A 463 -18.41 -4.33 -37.92
CA CYS A 463 -16.97 -4.16 -37.78
C CYS A 463 -16.30 -5.40 -37.18
N ASN A 464 -15.29 -5.95 -37.84
CA ASN A 464 -14.61 -7.12 -37.28
C ASN A 464 -13.38 -6.62 -36.50
N CYS A 465 -13.47 -6.57 -35.18
CA CYS A 465 -12.37 -6.09 -34.34
C CYS A 465 -12.16 -7.05 -33.18
N ASP A 466 -10.95 -7.10 -32.64
CA ASP A 466 -10.65 -8.01 -31.54
C ASP A 466 -11.37 -7.63 -30.23
N GLU A 467 -11.97 -8.62 -29.54
CA GLU A 467 -12.66 -8.40 -28.29
C GLU A 467 -11.74 -7.97 -27.16
N SER A 468 -10.55 -8.55 -27.14
CA SER A 468 -9.57 -8.32 -26.06
C SER A 468 -9.09 -6.89 -25.90
N GLN A 469 -8.91 -6.16 -27.00
CA GLN A 469 -8.38 -4.80 -26.91
C GLN A 469 -9.30 -3.93 -26.04
N TRP A 470 -8.72 -3.10 -25.19
CA TRP A 470 -9.50 -2.23 -24.31
C TRP A 470 -9.23 -0.75 -24.63
N GLU A 471 -10.28 0.05 -24.81
CA GLU A 471 -10.11 1.46 -25.11
C GLU A 471 -11.41 2.16 -24.76
N PRO A 472 -11.53 2.64 -23.52
CA PRO A 472 -12.79 3.29 -23.14
C PRO A 472 -13.00 4.61 -23.87
N VAL A 473 -14.01 4.70 -24.72
CA VAL A 473 -14.28 5.94 -25.44
C VAL A 473 -15.63 6.44 -24.96
N CYS A 474 -15.74 7.73 -24.63
CA CYS A 474 -17.00 8.25 -24.12
C CYS A 474 -17.84 8.90 -25.23
N GLY A 475 -19.03 8.36 -25.49
CA GLY A 475 -19.93 8.87 -26.50
C GLY A 475 -20.75 10.06 -26.03
N ASN A 476 -21.43 10.70 -26.98
CA ASN A 476 -22.31 11.84 -26.71
C ASN A 476 -23.46 11.41 -25.79
N ASN A 477 -23.98 10.20 -26.03
CA ASN A 477 -25.06 9.61 -25.24
C ASN A 477 -24.67 9.43 -23.78
N GLY A 478 -23.40 9.11 -23.52
CA GLY A 478 -22.92 8.88 -22.18
C GLY A 478 -22.75 7.43 -21.80
N ILE A 479 -22.91 6.54 -22.77
CA ILE A 479 -22.74 5.12 -22.52
C ILE A 479 -21.31 4.75 -22.92
N THR A 480 -20.53 4.15 -22.01
CA THR A 480 -19.14 3.78 -22.31
C THR A 480 -19.10 2.60 -23.28
N TYR A 481 -18.06 2.54 -24.11
CA TYR A 481 -17.89 1.45 -25.07
C TYR A 481 -16.54 0.78 -24.82
N ILE A 482 -16.45 -0.52 -25.09
CA ILE A 482 -15.23 -1.26 -24.84
C ILE A 482 -14.05 -0.74 -25.65
N SER A 483 -14.28 -0.41 -26.91
CA SER A 483 -13.24 0.11 -27.78
C SER A 483 -13.89 0.86 -28.92
N PRO A 484 -13.16 1.80 -29.54
CA PRO A 484 -13.78 2.53 -30.65
C PRO A 484 -14.09 1.62 -31.84
N CYS A 485 -13.23 0.64 -32.08
CA CYS A 485 -13.41 -0.31 -33.17
C CYS A 485 -14.70 -1.10 -32.94
N LEU A 486 -14.94 -1.50 -31.69
CA LEU A 486 -16.14 -2.25 -31.30
C LEU A 486 -17.41 -1.42 -31.51
N ALA A 487 -17.28 -0.11 -31.27
CA ALA A 487 -18.35 0.88 -31.46
C ALA A 487 -18.77 1.05 -32.94
N GLY A 488 -17.88 0.73 -33.88
CA GLY A 488 -18.19 0.86 -35.30
C GLY A 488 -17.75 2.15 -35.93
N CYS A 489 -17.00 2.95 -35.17
CA CYS A 489 -16.52 4.22 -35.69
C CYS A 489 -15.35 3.97 -36.66
N LYS A 490 -15.44 4.49 -37.89
CA LYS A 490 -14.38 4.28 -38.88
C LYS A 490 -13.62 5.55 -39.30
N SER A 491 -13.82 6.65 -38.58
CA SER A 491 -13.14 7.89 -38.95
C SER A 491 -12.36 8.52 -37.79
N SER A 492 -11.27 9.20 -38.12
CA SER A 492 -10.44 9.85 -37.10
C SER A 492 -10.10 11.29 -37.52
N SER A 493 -9.86 12.14 -36.54
CA SER A 493 -9.54 13.55 -36.80
C SER A 493 -8.04 13.83 -36.95
N GLY A 494 -7.22 12.80 -36.73
CA GLY A 494 -5.78 12.97 -36.79
C GLY A 494 -5.14 12.39 -35.55
N ASN A 495 -3.83 12.43 -35.46
CA ASN A 495 -3.12 11.87 -34.32
C ASN A 495 -2.75 12.93 -33.30
N LYS A 496 -3.15 14.17 -33.54
CA LYS A 496 -2.80 15.27 -32.63
C LYS A 496 -3.37 15.06 -31.24
N LYS A 497 -4.62 14.63 -31.15
CA LYS A 497 -5.26 14.43 -29.85
C LYS A 497 -6.43 13.46 -29.98
N PRO A 498 -7.00 13.04 -28.84
CA PRO A 498 -8.18 12.18 -28.93
C PRO A 498 -9.08 12.66 -30.06
N ILE A 499 -9.21 11.86 -31.11
CA ILE A 499 -9.99 12.30 -32.26
C ILE A 499 -11.45 11.93 -32.13
N VAL A 500 -12.30 12.93 -31.91
CA VAL A 500 -13.73 12.66 -31.83
C VAL A 500 -13.97 11.90 -33.12
N PHE A 501 -14.39 10.65 -33.01
CA PHE A 501 -14.78 9.89 -34.18
C PHE A 501 -15.83 10.66 -34.96
N TYR A 502 -15.69 10.71 -36.29
CA TYR A 502 -16.64 11.46 -37.11
C TYR A 502 -18.03 10.88 -36.99
N ASN A 503 -18.12 9.55 -37.00
CA ASN A 503 -19.40 8.87 -36.88
C ASN A 503 -19.19 7.59 -36.05
N CYS A 504 -20.21 7.15 -35.32
CA CYS A 504 -20.09 5.88 -34.60
C CYS A 504 -21.41 5.13 -34.83
N SER A 505 -21.36 3.89 -35.30
CA SER A 505 -22.61 3.17 -35.59
C SER A 505 -23.49 2.91 -34.37
N CYS A 506 -22.89 2.41 -33.29
CA CYS A 506 -23.62 2.13 -32.05
C CYS A 506 -24.07 3.39 -31.30
N LEU A 507 -23.22 4.40 -31.31
CA LEU A 507 -23.47 5.66 -30.60
C LEU A 507 -24.70 6.41 -31.09
N GLU A 508 -24.93 6.38 -32.40
CA GLU A 508 -26.07 7.10 -32.96
C GLU A 508 -27.33 6.26 -32.77
N VAL A 509 -27.91 6.34 -31.59
CA VAL A 509 -29.10 5.60 -31.22
C VAL A 509 -30.32 6.13 -31.96
N THR A 510 -31.33 5.27 -32.12
CA THR A 510 -32.55 5.65 -32.82
C THR A 510 -33.27 6.80 -32.11
N GLY A 511 -33.90 7.68 -32.88
CA GLY A 511 -34.61 8.84 -32.34
C GLY A 511 -33.80 10.12 -32.27
N LEU A 512 -32.50 10.06 -32.52
CA LEU A 512 -31.67 11.26 -32.51
C LEU A 512 -30.72 11.23 -33.69
N GLN A 513 -31.28 11.21 -34.90
CA GLN A 513 -30.47 11.19 -36.11
C GLN A 513 -29.65 12.47 -36.21
N ASN A 514 -30.30 13.59 -35.89
CA ASN A 514 -29.64 14.90 -35.94
C ASN A 514 -28.49 14.99 -34.95
N ARG A 515 -28.68 14.44 -33.76
CA ARG A 515 -27.66 14.48 -32.73
C ARG A 515 -26.41 13.72 -33.20
N ASN A 516 -25.23 14.26 -32.92
CA ASN A 516 -23.99 13.62 -33.34
C ASN A 516 -23.65 12.35 -32.55
N TYR A 517 -22.97 11.41 -33.20
CA TYR A 517 -22.56 10.15 -32.57
C TYR A 517 -21.06 10.16 -32.23
N SER A 518 -20.42 11.33 -32.30
CA SER A 518 -18.99 11.46 -32.03
C SER A 518 -18.67 11.08 -30.59
N ALA A 519 -17.50 10.49 -30.37
CA ALA A 519 -17.09 10.09 -29.03
C ALA A 519 -15.72 10.65 -28.67
N HIS A 520 -15.46 10.80 -27.38
CA HIS A 520 -14.20 11.33 -26.89
C HIS A 520 -13.43 10.24 -26.15
N LEU A 521 -12.11 10.18 -26.35
CA LEU A 521 -11.28 9.16 -25.71
C LEU A 521 -11.27 9.34 -24.19
N GLY A 522 -11.13 8.25 -23.46
CA GLY A 522 -11.10 8.28 -22.01
C GLY A 522 -12.40 7.81 -21.40
N GLU A 523 -12.35 7.40 -20.15
CA GLU A 523 -13.52 6.90 -19.45
C GLU A 523 -14.56 8.01 -19.35
N CYS A 524 -15.84 7.69 -19.52
CA CYS A 524 -16.88 8.70 -19.44
C CYS A 524 -16.85 9.41 -18.10
N PRO A 525 -16.92 10.75 -18.12
CA PRO A 525 -16.90 11.44 -16.84
C PRO A 525 -18.20 11.14 -16.11
N ARG A 526 -18.15 10.99 -14.79
CA ARG A 526 -19.34 10.67 -14.03
C ARG A 526 -20.29 11.87 -13.97
N ASP A 527 -21.57 11.60 -13.74
CA ASP A 527 -22.59 12.64 -13.69
C ASP A 527 -22.37 13.65 -12.56
N ASP A 528 -22.86 14.87 -12.75
CA ASP A 528 -22.66 15.95 -11.79
C ASP A 528 -23.20 15.61 -10.41
N ALA A 529 -24.33 14.94 -10.32
CA ALA A 529 -24.88 14.57 -9.03
C ALA A 529 -23.91 13.65 -8.29
N CYS A 530 -23.33 12.69 -9.01
CA CYS A 530 -22.43 11.72 -8.39
C CYS A 530 -21.16 12.35 -7.80
N THR A 531 -20.64 13.38 -8.47
CA THR A 531 -19.40 14.00 -8.00
C THR A 531 -19.59 14.56 -6.60
N ARG A 532 -20.74 15.17 -6.34
CA ARG A 532 -20.99 15.72 -5.03
C ARG A 532 -20.88 14.62 -4.01
N LYS A 533 -21.40 13.45 -4.35
CA LYS A 533 -21.34 12.32 -3.44
C LYS A 533 -19.90 11.98 -3.12
N PHE A 534 -19.06 11.95 -4.15
CA PHE A 534 -17.65 11.64 -3.93
C PHE A 534 -17.12 12.39 -2.72
N TYR A 535 -17.30 13.70 -2.70
CA TYR A 535 -16.73 14.48 -1.60
C TYR A 535 -17.16 13.93 -0.24
N PHE A 536 -18.40 13.43 -0.12
CA PHE A 536 -18.85 12.86 1.14
C PHE A 536 -17.95 11.69 1.52
N PHE A 537 -17.56 10.90 0.53
CA PHE A 537 -16.67 9.78 0.81
C PHE A 537 -15.34 10.29 1.31
N VAL A 538 -14.76 11.27 0.63
CA VAL A 538 -13.46 11.76 1.07
C VAL A 538 -13.51 12.43 2.45
N ALA A 539 -14.58 13.17 2.76
CA ALA A 539 -14.66 13.83 4.06
C ALA A 539 -14.72 12.81 5.19
N ILE A 540 -15.54 11.78 5.05
CA ILE A 540 -15.60 10.74 6.06
C ILE A 540 -14.29 9.95 6.07
N GLN A 541 -13.69 9.74 4.91
CA GLN A 541 -12.44 9.00 4.87
C GLN A 541 -11.38 9.70 5.68
N VAL A 542 -11.27 11.02 5.56
CA VAL A 542 -10.29 11.72 6.36
C VAL A 542 -10.67 11.64 7.84
N LEU A 543 -11.95 11.82 8.11
CA LEU A 543 -12.44 11.77 9.49
C LEU A 543 -12.24 10.41 10.09
N ASN A 544 -12.53 9.37 9.34
CA ASN A 544 -12.38 8.02 9.84
C ASN A 544 -10.92 7.71 10.14
N LEU A 545 -10.03 8.18 9.28
CA LEU A 545 -8.61 7.93 9.47
C LEU A 545 -8.14 8.57 10.75
N PHE A 546 -8.60 9.80 11.01
CA PHE A 546 -8.21 10.51 12.22
C PHE A 546 -8.61 9.73 13.46
N PHE A 547 -9.83 9.19 13.47
CA PHE A 547 -10.30 8.40 14.61
C PHE A 547 -9.46 7.13 14.75
N SER A 548 -9.12 6.52 13.62
CA SER A 548 -8.24 5.34 13.62
C SER A 548 -6.86 5.75 14.11
N ALA A 549 -6.41 6.94 13.68
CA ALA A 549 -5.14 7.50 14.08
C ALA A 549 -5.08 7.76 15.58
N LEU A 550 -6.19 8.17 16.17
CA LEU A 550 -6.25 8.42 17.61
C LEU A 550 -5.94 7.17 18.42
N GLY A 551 -6.43 6.02 17.96
CA GLY A 551 -6.22 4.76 18.65
C GLY A 551 -5.04 3.94 18.15
N GLY A 552 -4.32 4.46 17.16
CA GLY A 552 -3.18 3.79 16.57
C GLY A 552 -2.07 3.55 17.55
N THR A 553 -1.80 4.53 18.40
CA THR A 553 -0.77 4.40 19.44
C THR A 553 -1.18 3.48 20.58
N SER A 554 -2.48 3.28 20.75
CA SER A 554 -3.02 2.42 21.80
C SER A 554 -2.61 0.95 21.70
N HIS A 555 -2.54 0.39 20.49
CA HIS A 555 -2.21 -1.02 20.36
C HIS A 555 -0.84 -1.31 20.96
N VAL A 556 0.14 -0.48 20.63
CA VAL A 556 1.47 -0.67 21.16
C VAL A 556 1.55 -0.44 22.66
N MET A 557 0.88 0.62 23.13
CA MET A 557 0.88 0.96 24.54
C MET A 557 0.19 -0.10 25.40
N LEU A 558 -0.94 -0.60 24.93
CA LEU A 558 -1.70 -1.61 25.66
C LEU A 558 -0.99 -2.95 25.82
N ILE A 559 -0.26 -3.38 24.78
CA ILE A 559 0.42 -4.66 24.81
C ILE A 559 1.47 -4.75 25.89
N VAL A 560 2.21 -3.69 26.13
CA VAL A 560 3.24 -3.72 27.17
C VAL A 560 2.68 -3.96 28.56
N LYS A 561 1.56 -3.33 28.90
CA LYS A 561 0.97 -3.49 30.23
C LYS A 561 0.44 -4.89 30.59
N ILE A 562 -0.24 -5.55 29.66
CA ILE A 562 -0.80 -6.89 29.94
C ILE A 562 0.24 -8.00 30.20
N VAL A 563 1.32 -8.01 29.43
CA VAL A 563 2.37 -9.01 29.58
C VAL A 563 3.26 -8.70 30.78
N GLN A 564 3.90 -9.72 31.35
CA GLN A 564 4.80 -9.56 32.48
C GLN A 564 5.96 -8.61 32.16
N PRO A 565 6.47 -7.88 33.17
CA PRO A 565 7.53 -6.92 32.85
C PRO A 565 8.81 -7.47 32.17
N GLU A 566 9.19 -8.70 32.48
CA GLU A 566 10.39 -9.32 31.90
C GLU A 566 10.36 -9.54 30.39
N LEU A 567 9.21 -9.90 29.85
CA LEU A 567 9.06 -10.24 28.44
C LEU A 567 8.54 -9.15 27.51
N LYS A 568 8.61 -7.88 27.90
CA LYS A 568 8.03 -6.84 27.06
C LYS A 568 8.62 -6.79 25.65
N SER A 569 9.93 -6.93 25.51
CA SER A 569 10.53 -6.87 24.19
C SER A 569 10.05 -8.01 23.31
N LEU A 570 9.98 -9.21 23.87
CA LEU A 570 9.53 -10.38 23.11
C LEU A 570 8.08 -10.29 22.70
N ALA A 571 7.24 -9.79 23.59
CA ALA A 571 5.82 -9.70 23.30
C ALA A 571 5.57 -8.81 22.10
N LEU A 572 6.26 -7.69 22.04
CA LEU A 572 6.10 -6.80 20.90
C LEU A 572 6.57 -7.50 19.63
N GLY A 573 7.69 -8.21 19.72
CA GLY A 573 8.23 -8.88 18.57
C GLY A 573 7.30 -9.93 18.03
N PHE A 574 6.71 -10.75 18.89
CA PHE A 574 5.80 -11.77 18.38
C PHE A 574 4.61 -11.10 17.75
N HIS A 575 4.08 -10.06 18.38
CA HIS A 575 2.97 -9.33 17.83
C HIS A 575 3.39 -8.67 16.53
N SER A 576 4.59 -8.10 16.50
CA SER A 576 5.07 -7.47 15.27
C SER A 576 5.21 -8.49 14.16
N MET A 577 5.72 -9.67 14.48
CA MET A 577 5.87 -10.68 13.46
C MET A 577 4.51 -11.10 12.94
N VAL A 578 3.56 -11.33 13.84
CA VAL A 578 2.22 -11.76 13.43
C VAL A 578 1.51 -10.71 12.60
N ILE A 579 1.61 -9.45 13.00
CA ILE A 579 0.95 -8.41 12.22
C ILE A 579 1.56 -8.32 10.84
N ARG A 580 2.89 -8.37 10.71
CA ARG A 580 3.52 -8.21 9.38
C ARG A 580 3.70 -9.48 8.58
N ALA A 581 3.37 -10.61 9.16
CA ALA A 581 3.40 -11.84 8.39
C ALA A 581 2.04 -12.13 7.79
N LEU A 582 0.98 -11.95 8.57
CA LEU A 582 -0.36 -12.15 8.02
C LEU A 582 -1.01 -10.86 7.57
N GLY A 583 -1.05 -9.84 8.42
CA GLY A 583 -1.63 -8.59 8.00
C GLY A 583 -0.84 -7.99 6.86
N GLY A 584 0.48 -8.02 6.98
CA GLY A 584 1.34 -7.49 5.95
C GLY A 584 1.35 -8.19 4.61
N ILE A 585 1.35 -9.53 4.63
CA ILE A 585 1.39 -10.31 3.39
C ILE A 585 0.09 -10.98 2.96
N LEU A 586 -0.57 -11.69 3.86
CA LEU A 586 -1.82 -12.38 3.53
C LEU A 586 -3.00 -11.48 3.17
N ALA A 587 -3.18 -10.38 3.89
CA ALA A 587 -4.32 -9.50 3.65
C ALA A 587 -4.46 -9.04 2.20
N PRO A 588 -3.43 -8.34 1.67
CA PRO A 588 -3.62 -7.96 0.27
C PRO A 588 -3.78 -9.14 -0.67
N ILE A 589 -3.06 -10.24 -0.48
CA ILE A 589 -3.21 -11.38 -1.36
C ILE A 589 -4.59 -12.02 -1.32
N TYR A 590 -5.19 -12.21 -0.15
CA TYR A 590 -6.53 -12.80 -0.15
C TYR A 590 -7.58 -11.77 -0.56
N PHE A 591 -7.29 -10.49 -0.38
CA PHE A 591 -8.23 -9.45 -0.83
C PHE A 591 -8.33 -9.54 -2.33
N GLY A 592 -7.17 -9.67 -2.98
CA GLY A 592 -7.10 -9.72 -4.42
C GLY A 592 -7.84 -10.94 -4.94
N ALA A 593 -7.67 -12.07 -4.26
CA ALA A 593 -8.36 -13.26 -4.70
C ALA A 593 -9.85 -13.06 -4.58
N LEU A 594 -10.30 -12.51 -3.46
CA LEU A 594 -11.72 -12.26 -3.25
C LEU A 594 -12.29 -11.18 -4.17
N ILE A 595 -11.53 -10.11 -4.36
CA ILE A 595 -11.95 -9.01 -5.21
C ILE A 595 -12.10 -9.41 -6.67
N ASP A 596 -11.23 -10.28 -7.15
CA ASP A 596 -11.25 -10.64 -8.56
C ASP A 596 -12.56 -11.23 -9.05
N THR A 597 -13.24 -12.03 -8.24
CA THR A 597 -14.52 -12.62 -8.65
C THR A 597 -15.50 -11.57 -9.17
N THR A 598 -15.50 -10.41 -8.54
CA THR A 598 -16.33 -9.28 -8.95
C THR A 598 -15.94 -8.73 -10.32
N CYS A 599 -14.64 -8.74 -10.63
CA CYS A 599 -14.15 -8.18 -11.88
C CYS A 599 -14.82 -8.78 -13.12
N ILE A 600 -15.16 -7.94 -14.10
CA ILE A 600 -15.84 -8.42 -15.31
C ILE A 600 -15.02 -8.45 -16.60
N LYS A 601 -13.93 -7.72 -16.67
CA LYS A 601 -13.12 -7.70 -17.90
C LYS A 601 -11.68 -8.12 -17.65
N TRP A 602 -11.13 -9.04 -18.43
CA TRP A 602 -9.77 -9.48 -18.20
C TRP A 602 -8.81 -9.08 -19.32
N SER A 603 -7.73 -8.36 -19.00
CA SER A 603 -6.74 -8.00 -20.00
C SER A 603 -5.97 -9.28 -20.32
N THR A 604 -5.55 -9.45 -21.56
CA THR A 604 -4.85 -10.68 -21.91
C THR A 604 -3.32 -10.48 -21.90
N ASN A 605 -2.62 -11.16 -21.00
CA ASN A 605 -1.16 -11.08 -20.95
C ASN A 605 -0.56 -11.94 -22.04
N ASN A 606 0.67 -11.65 -22.43
CA ASN A 606 1.31 -12.44 -23.48
C ASN A 606 1.49 -13.89 -23.03
N CYS A 607 1.91 -14.08 -21.78
CA CYS A 607 2.08 -15.42 -21.24
C CYS A 607 0.91 -15.84 -20.34
N GLY A 608 0.53 -14.96 -19.41
CA GLY A 608 -0.55 -15.23 -18.49
C GLY A 608 -1.93 -15.16 -19.14
N THR A 609 -2.86 -16.02 -18.70
CA THR A 609 -4.20 -16.00 -19.27
C THR A 609 -4.87 -14.66 -18.95
N ARG A 610 -4.70 -14.22 -17.70
CA ARG A 610 -5.26 -12.94 -17.27
C ARG A 610 -4.16 -12.10 -16.63
N GLY A 611 -3.93 -10.89 -17.11
CA GLY A 611 -2.90 -10.04 -16.53
C GLY A 611 -3.42 -8.96 -15.60
N SER A 612 -4.44 -8.23 -16.06
CA SER A 612 -5.02 -7.15 -15.27
C SER A 612 -6.50 -7.09 -15.54
N CYS A 613 -7.25 -6.46 -14.64
CA CYS A 613 -8.69 -6.33 -14.83
C CYS A 613 -9.01 -4.88 -15.18
N ARG A 614 -9.57 -4.62 -16.36
CA ARG A 614 -9.88 -3.26 -16.77
C ARG A 614 -10.95 -2.52 -15.97
N THR A 615 -12.08 -3.19 -15.70
CA THR A 615 -13.18 -2.57 -14.94
C THR A 615 -13.88 -3.60 -14.08
N TYR A 616 -14.46 -3.17 -12.97
CA TYR A 616 -15.16 -4.08 -12.07
C TYR A 616 -16.59 -3.62 -11.98
N ASN A 617 -17.54 -4.53 -11.77
CA ASN A 617 -18.93 -4.13 -11.63
C ASN A 617 -18.89 -3.30 -10.36
N SER A 618 -19.39 -2.07 -10.40
CA SER A 618 -19.27 -1.21 -9.22
C SER A 618 -20.01 -1.66 -7.97
N THR A 619 -21.26 -2.09 -8.11
CA THR A 619 -21.99 -2.54 -6.93
C THR A 619 -21.34 -3.79 -6.34
N SER A 620 -20.93 -4.71 -7.20
CA SER A 620 -20.30 -5.94 -6.76
C SER A 620 -19.00 -5.62 -6.07
N PHE A 621 -18.21 -4.74 -6.69
CA PHE A 621 -16.93 -4.36 -6.11
C PHE A 621 -17.12 -3.64 -4.78
N SER A 622 -18.09 -2.73 -4.73
CA SER A 622 -18.35 -2.01 -3.50
C SER A 622 -18.86 -2.92 -2.38
N ARG A 623 -19.81 -3.77 -2.72
CA ARG A 623 -20.40 -4.66 -1.73
C ARG A 623 -19.38 -5.64 -1.17
N VAL A 624 -18.51 -6.13 -2.05
CA VAL A 624 -17.51 -7.10 -1.65
C VAL A 624 -16.30 -6.50 -0.94
N TYR A 625 -15.77 -5.41 -1.46
CA TYR A 625 -14.63 -4.77 -0.80
C TYR A 625 -15.00 -4.13 0.53
N LEU A 626 -16.09 -3.38 0.56
CA LEU A 626 -16.51 -2.77 1.83
C LEU A 626 -16.99 -3.82 2.80
N GLY A 627 -17.76 -4.78 2.30
CA GLY A 627 -18.31 -5.81 3.16
C GLY A 627 -17.25 -6.64 3.80
N LEU A 628 -16.24 -7.06 3.04
CA LEU A 628 -15.17 -7.84 3.61
C LEU A 628 -14.42 -7.01 4.62
N SER A 629 -14.16 -5.74 4.29
CA SER A 629 -13.46 -4.86 5.21
C SER A 629 -14.30 -4.62 6.45
N SER A 630 -15.60 -4.44 6.27
CA SER A 630 -16.47 -4.18 7.40
C SER A 630 -16.63 -5.41 8.26
N MET A 631 -16.75 -6.58 7.61
CA MET A 631 -16.93 -7.82 8.35
C MET A 631 -15.77 -8.04 9.31
N LEU A 632 -14.56 -7.73 8.87
CA LEU A 632 -13.40 -7.88 9.73
C LEU A 632 -13.51 -6.92 10.91
N ARG A 633 -13.89 -5.68 10.65
CA ARG A 633 -14.00 -4.72 11.73
C ARG A 633 -15.07 -5.15 12.73
N VAL A 634 -16.20 -5.67 12.24
CA VAL A 634 -17.25 -6.12 13.14
C VAL A 634 -16.73 -7.25 14.02
N SER A 635 -15.97 -8.18 13.45
CA SER A 635 -15.38 -9.25 14.23
C SER A 635 -14.38 -8.66 15.23
N SER A 636 -13.61 -7.67 14.79
CA SER A 636 -12.62 -7.03 15.64
C SER A 636 -13.31 -6.38 16.83
N LEU A 637 -14.41 -5.70 16.59
CA LEU A 637 -15.14 -5.04 17.66
C LEU A 637 -15.69 -6.07 18.66
N VAL A 638 -16.16 -7.21 18.14
CA VAL A 638 -16.72 -8.25 18.99
C VAL A 638 -15.67 -8.79 19.96
N LEU A 639 -14.43 -8.94 19.49
CA LEU A 639 -13.35 -9.43 20.34
C LEU A 639 -13.09 -8.46 21.50
N TYR A 640 -13.17 -7.16 21.23
CA TYR A 640 -12.94 -6.16 22.25
C TYR A 640 -13.95 -6.32 23.38
N ILE A 641 -15.20 -6.54 23.04
CA ILE A 641 -16.20 -6.69 24.09
C ILE A 641 -15.88 -7.90 24.94
N ILE A 642 -15.50 -9.01 24.30
CA ILE A 642 -15.12 -10.21 25.03
C ILE A 642 -13.88 -9.95 25.87
N LEU A 643 -12.92 -9.24 25.28
CA LEU A 643 -11.66 -8.93 25.94
C LEU A 643 -11.87 -8.03 27.15
N ILE A 644 -12.65 -6.97 26.96
CA ILE A 644 -12.91 -6.02 28.03
C ILE A 644 -13.47 -6.72 29.25
N TYR A 645 -14.41 -7.63 29.03
CA TYR A 645 -14.99 -8.34 30.16
C TYR A 645 -13.93 -9.18 30.84
N ALA A 646 -13.11 -9.85 30.05
CA ALA A 646 -12.05 -10.69 30.60
C ALA A 646 -11.01 -9.85 31.36
N MET A 647 -10.64 -8.73 30.76
CA MET A 647 -9.63 -7.86 31.37
C MET A 647 -10.13 -7.29 32.69
N LYS A 648 -11.38 -6.87 32.72
CA LYS A 648 -11.95 -6.29 33.92
C LYS A 648 -11.98 -7.30 35.06
N LYS A 649 -12.31 -8.53 34.73
CA LYS A 649 -12.36 -9.59 35.74
C LYS A 649 -11.00 -9.83 36.36
N LYS A 650 -9.95 -9.88 35.54
CA LYS A 650 -8.61 -10.15 36.05
C LYS A 650 -8.06 -9.00 36.89
N TYR A 651 -8.32 -7.77 36.47
CA TYR A 651 -7.81 -6.61 37.19
C TYR A 651 -8.85 -6.05 38.16
C1 NAG B . -20.80 10.89 -41.04
C2 NAG B . -20.50 12.39 -41.02
C3 NAG B . -21.07 13.04 -42.28
C4 NAG B . -20.45 12.32 -43.48
C5 NAG B . -20.91 10.88 -43.42
C6 NAG B . -20.42 10.11 -44.64
C7 NAG B . -20.33 13.40 -38.81
C8 NAG B . -18.92 13.76 -39.15
N2 NAG B . -21.08 13.01 -39.85
O3 NAG B . -20.76 14.44 -42.30
O4 NAG B . -20.54 13.07 -44.84
O5 NAG B . -20.38 10.28 -42.25
O6 NAG B . -18.99 10.09 -44.65
O7 NAG B . -20.77 13.46 -37.68
C1 NAG B . -21.48 13.15 -46.02
C2 NAG B . -20.94 13.41 -47.42
C3 NAG B . -22.09 13.64 -48.40
C4 NAG B . -23.42 13.90 -47.68
C5 NAG B . -23.74 12.82 -46.65
C6 NAG B . -24.62 11.72 -47.25
C7 NAG B . -20.18 15.55 -46.54
C8 NAG B . -19.03 15.75 -45.60
N2 NAG B . -20.05 14.55 -47.40
O3 NAG B . -22.20 12.50 -49.25
O4 NAG B . -23.39 15.18 -47.05
O5 NAG B . -22.56 12.22 -46.12
O6 NAG B . -23.84 10.88 -48.12
O7 NAG B . -21.17 16.28 -46.52
C1 30B C . -1.06 0.59 9.57
C2 30B C . 0.29 0.50 10.31
C3 30B C . 1.11 1.62 9.72
C4 30B C . 0.18 2.67 9.15
C5 30B C . -0.99 1.83 8.69
C6 30B C . 2.17 2.26 10.59
O7 30B C . 1.99 2.61 11.69
N8 30B C . 3.37 2.48 9.97
C9 30B C . 1.00 -0.79 9.99
O10 30B C . 1.07 -1.16 8.88
C11 30B C . 5.79 1.98 9.55
C12 30B C . 4.93 2.34 11.97
N13 30B C . 1.61 -1.58 11.11
C14 30B C . 2.31 -2.85 10.84
C15 30B C . 1.51 -1.08 12.47
C16 30B C . 4.75 2.63 10.51
C17 30B C . 5.86 3.49 9.85
C18 30B C . 6.64 1.05 10.28
C19 30B C . 3.61 -2.64 10.01
C20 30B C . 4.61 -1.70 10.76
C21 30B C . 5.00 -0.72 9.69
C22 30B C . 6.26 -0.21 10.31
O23 30B C . -0.88 1.54 7.30
C24 30B C . 3.86 1.21 5.36
C25 30B C . 3.05 0.35 6.08
C26 30B C . 1.78 0.72 6.46
C27 30B C . 1.25 1.97 6.16
C28 30B C . 2.06 2.94 5.42
C29 30B C . 3.40 2.55 5.00
C30 30B C . -0.09 2.39 6.57
C31 30B C . -0.47 3.67 6.21
C32 30B C . 0.37 4.54 5.51
N33 30B C . 1.60 4.15 5.11
C34 30B C . 0.00 5.89 5.02
S35 30B C . -1.29 6.78 5.80
C36 30B C . -1.19 8.10 4.68
C37 30B C . -0.21 7.80 3.75
N38 30B C . 0.43 6.60 3.93
C39 30B C . 0.27 8.61 2.58
C40 30B C . 1.53 8.02 1.98
C41 30B C . -0.79 8.86 1.50
O42 30B C . 5.10 0.82 4.99
C43 30B C . 5.80 0.07 5.95
C44 30B C . 4.25 3.49 4.23
N45 30B C . 4.48 1.16 12.43
O46 30B C . 5.41 3.25 12.63
S47 30B C . 4.59 0.95 14.08
C48 30B C . 3.68 1.98 15.14
O49 30B C . 4.22 -0.41 14.37
O50 30B C . 5.94 1.38 14.32
C51 30B C . 3.99 2.01 16.65
C52 30B C . 2.72 1.31 16.14
C1 NAG D . -21.88 17.94 -34.81
C2 NAG D . -21.12 19.25 -34.63
C3 NAG D . -21.99 20.43 -35.00
C4 NAG D . -22.55 20.23 -36.40
C5 NAG D . -23.27 18.88 -36.49
C6 NAG D . -23.82 18.65 -37.89
C7 NAG D . -19.57 18.80 -32.81
C8 NAG D . -19.53 18.49 -31.35
N2 NAG D . -20.69 19.38 -33.25
O3 NAG D . -21.22 21.64 -34.97
O4 NAG D . -23.47 21.28 -36.72
O5 NAG D . -22.35 17.85 -36.16
O6 NAG D . -24.60 17.44 -37.90
O7 NAG D . -18.66 18.52 -33.57
#